data_8E9A
#
_entry.id   8E9A
#
_cell.length_a   114.829
_cell.length_b   48.419
_cell.length_c   139.845
_cell.angle_alpha   90.000
_cell.angle_beta   90.000
_cell.angle_gamma   90.000
#
_symmetry.space_group_name_H-M   'C 1 2 1'
#
loop_
_entity.id
_entity.type
_entity.pdbx_description
1 polymer 'Repair DNA polymerase X'
2 polymer 'DNA/RNA (52-MER)'
3 non-polymer 'MAGNESIUM ION'
4 non-polymer 'SODIUM ION'
5 water water
#
loop_
_entity_poly.entity_id
_entity_poly.type
_entity_poly.pdbx_seq_one_letter_code
_entity_poly.pdbx_strand_id
1 'polypeptide(L)'
;SMLTLIQGKKIVNHLRSRLAFEYNGQLIKILSKNIVAVGSLRREEKMLNDVDLLIIVPEKKLLKHVLPNIRIKGLSFSVK
VCGERKCVLFIEWEKKTYQLDLFTALAEEKPYAIFHFTGPVSYLIRIRAALKKKNYKLNQYGLFKNQTLVPLKITTEKEL
IKELGFTYRIPKKRL
;
A,B
2 'polydeoxyribonucleotide'
;(DG)(DC)(DT)(DG)(DG)(DG)(DA)(DT)(A2M)(DC)(DA)(DT)(DT)(DG)(DT)(DG)(DC)(DG)(DA)
(DA)(DA)(DG)(DC)(DA)(DC)(DA)(DA)(DT)(DG)(DG)(DG)(DC)(DT)(DA)(DG)(DC)(DT)(DA)(DC)
(DA)(DA)(DC)(DG)(DA)(DA)(DT)(DC)(DC)(DC)(DA)(DG)(DC)
;
C,D
#
# COMPACT_ATOMS: atom_id res chain seq x y z
N SER A 1 -2.66 15.01 -21.10
CA SER A 1 -2.96 15.48 -19.72
C SER A 1 -4.36 16.09 -19.67
N MET A 2 -4.61 17.04 -20.56
CA MET A 2 -5.91 17.69 -20.64
C MET A 2 -6.96 16.73 -21.19
N LEU A 3 -8.22 16.97 -20.81
CA LEU A 3 -9.30 16.08 -21.21
C LEU A 3 -10.61 16.85 -21.19
N THR A 4 -11.50 16.51 -22.13
CA THR A 4 -12.80 17.14 -22.27
C THR A 4 -13.80 16.54 -21.29
N LEU A 5 -15.01 17.10 -21.27
CA LEU A 5 -16.00 16.68 -20.30
C LEU A 5 -16.39 15.23 -20.52
N ILE A 6 -16.70 14.86 -21.77
CA ILE A 6 -17.15 13.49 -22.01
C ILE A 6 -16.02 12.49 -21.75
N GLN A 7 -14.77 12.90 -21.98
CA GLN A 7 -13.64 12.04 -21.64
C GLN A 7 -13.61 11.74 -20.16
N GLY A 8 -13.67 12.77 -19.32
CA GLY A 8 -13.68 12.55 -17.89
C GLY A 8 -14.92 11.83 -17.42
N LYS A 9 -16.05 12.05 -18.09
CA LYS A 9 -17.26 11.30 -17.77
C LYS A 9 -17.05 9.81 -18.01
N LYS A 10 -16.39 9.47 -19.12
CA LYS A 10 -16.07 8.08 -19.38
C LYS A 10 -15.09 7.53 -18.37
N ILE A 11 -14.16 8.37 -17.90
CA ILE A 11 -13.20 7.88 -16.90
C ILE A 11 -13.90 7.62 -15.57
N VAL A 12 -14.81 8.49 -15.16
CA VAL A 12 -15.53 8.27 -13.92
C VAL A 12 -16.45 7.06 -14.03
N ASN A 13 -17.09 6.87 -15.19
CA ASN A 13 -17.92 5.69 -15.37
C ASN A 13 -17.08 4.42 -15.34
N HIS A 14 -15.85 4.49 -15.84
CA HIS A 14 -14.96 3.33 -15.76
C HIS A 14 -14.53 3.05 -14.33
N LEU A 15 -14.17 4.11 -13.59
CA LEU A 15 -13.64 3.96 -12.25
C LEU A 15 -14.71 3.70 -11.19
N ARG A 16 -15.99 3.95 -11.50
CA ARG A 16 -17.01 3.87 -10.46
C ARG A 16 -17.09 2.47 -9.87
N SER A 17 -16.69 1.45 -10.63
CA SER A 17 -16.72 0.06 -10.15
C SER A 17 -15.32 -0.53 -10.03
N ARG A 18 -14.28 0.31 -10.04
CA ARG A 18 -12.91 -0.16 -9.96
C ARG A 18 -12.10 0.48 -8.83
N LEU A 19 -12.76 1.16 -7.90
CA LEU A 19 -12.07 1.75 -6.76
C LEU A 19 -12.10 0.79 -5.59
N ALA A 20 -10.99 0.73 -4.84
CA ALA A 20 -10.88 -0.13 -3.68
C ALA A 20 -9.73 0.38 -2.82
N PHE A 21 -9.54 -0.25 -1.68
CA PHE A 21 -8.36 0.05 -0.87
C PHE A 21 -7.98 -1.15 -0.01
N GLU A 22 -6.68 -1.24 0.29
CA GLU A 22 -6.14 -2.33 1.09
C GLU A 22 -6.24 -1.92 2.55
N TYR A 23 -7.05 -2.65 3.32
CA TYR A 23 -7.22 -2.43 4.74
C TYR A 23 -6.64 -3.64 5.46
N ASN A 24 -5.39 -3.49 5.91
CA ASN A 24 -4.71 -4.54 6.66
C ASN A 24 -4.81 -5.90 5.95
N GLY A 25 -4.50 -5.88 4.66
CA GLY A 25 -4.49 -7.09 3.86
C GLY A 25 -5.83 -7.49 3.28
N GLN A 26 -6.90 -6.74 3.55
CA GLN A 26 -8.22 -7.03 3.03
C GLN A 26 -8.55 -6.01 1.95
N LEU A 27 -8.86 -6.49 0.75
CA LEU A 27 -9.25 -5.61 -0.35
C LEU A 27 -10.71 -5.20 -0.17
N ILE A 28 -10.96 -3.91 0.05
CA ILE A 28 -12.30 -3.40 0.29
C ILE A 28 -12.73 -2.62 -0.94
N LYS A 29 -13.85 -2.99 -1.56
CA LYS A 29 -14.42 -2.22 -2.69
C LYS A 29 -14.93 -0.90 -2.13
N ILE A 30 -14.95 0.15 -2.96
CA ILE A 30 -15.53 1.47 -2.61
C ILE A 30 -16.81 1.56 -3.44
N LEU A 31 -17.98 1.53 -2.82
CA LEU A 31 -19.29 1.53 -3.53
C LEU A 31 -19.46 2.83 -4.32
N SER A 32 -20.17 2.78 -5.45
CA SER A 32 -20.35 3.95 -6.34
C SER A 32 -21.26 4.98 -5.70
N LYS A 33 -22.05 4.57 -4.73
CA LYS A 33 -22.93 5.53 -3.99
C LYS A 33 -22.05 6.45 -3.15
N ASN A 34 -20.80 6.08 -2.90
CA ASN A 34 -19.86 6.88 -2.07
C ASN A 34 -18.92 7.65 -2.99
N ILE A 35 -18.77 7.25 -4.25
CA ILE A 35 -17.96 7.98 -5.26
C ILE A 35 -18.84 9.09 -5.86
N VAL A 36 -18.51 10.36 -5.60
CA VAL A 36 -19.25 11.51 -6.11
C VAL A 36 -18.33 12.33 -7.00
N ALA A 37 -18.81 12.64 -8.20
CA ALA A 37 -18.10 13.57 -9.06
C ALA A 37 -18.15 14.96 -8.44
N VAL A 38 -17.03 15.68 -8.53
CA VAL A 38 -16.93 17.00 -7.91
C VAL A 38 -15.97 17.86 -8.72
N GLY A 39 -15.70 19.06 -8.24
CA GLY A 39 -14.75 19.90 -8.94
C GLY A 39 -15.33 20.41 -10.25
N SER A 40 -14.43 20.69 -11.20
CA SER A 40 -14.86 21.20 -12.49
C SER A 40 -15.72 20.19 -13.23
N LEU A 41 -15.64 18.90 -12.86
CA LEU A 41 -16.47 17.90 -13.53
C LEU A 41 -17.94 18.01 -13.10
N ARG A 42 -18.21 18.22 -11.81
CA ARG A 42 -19.61 18.33 -11.40
C ARG A 42 -20.27 19.51 -12.07
N ARG A 43 -19.51 20.58 -12.27
CA ARG A 43 -19.90 21.62 -13.22
C ARG A 43 -19.72 21.05 -14.61
N GLU A 44 -20.62 21.38 -15.53
CA GLU A 44 -20.54 20.82 -16.87
C GLU A 44 -19.49 21.58 -17.68
N GLU A 45 -18.28 21.68 -17.14
CA GLU A 45 -17.21 22.41 -17.79
C GLU A 45 -16.78 21.74 -19.09
N LYS A 46 -16.49 22.57 -20.10
CA LYS A 46 -16.13 22.04 -21.41
C LYS A 46 -14.78 21.33 -21.40
N MET A 47 -13.83 21.80 -20.59
CA MET A 47 -12.48 21.26 -20.56
C MET A 47 -12.03 21.11 -19.12
N LEU A 48 -11.34 20.00 -18.84
CA LEU A 48 -10.98 19.60 -17.49
C LEU A 48 -9.48 19.47 -17.37
N ASN A 49 -8.88 20.13 -16.38
CA ASN A 49 -7.49 19.87 -16.04
C ASN A 49 -7.31 18.49 -15.41
N ASP A 50 -8.35 17.97 -14.78
CA ASP A 50 -8.23 16.81 -13.91
C ASP A 50 -9.62 16.26 -13.66
N VAL A 51 -9.69 15.08 -13.05
CA VAL A 51 -10.94 14.50 -12.59
C VAL A 51 -10.91 14.42 -11.07
N ASP A 52 -11.89 15.03 -10.42
CA ASP A 52 -11.94 15.14 -8.97
C ASP A 52 -13.06 14.25 -8.43
N LEU A 53 -12.71 13.35 -7.51
CA LEU A 53 -13.66 12.40 -6.94
C LEU A 53 -13.69 12.56 -5.43
N LEU A 54 -14.88 12.40 -4.86
CA LEU A 54 -15.11 12.47 -3.42
C LEU A 54 -15.61 11.12 -2.96
N ILE A 55 -14.79 10.42 -2.18
CA ILE A 55 -15.16 9.14 -1.59
C ILE A 55 -15.77 9.41 -0.21
N ILE A 56 -16.88 8.75 0.06
CA ILE A 56 -17.59 8.88 1.34
C ILE A 56 -17.25 7.67 2.19
N VAL A 57 -16.72 7.93 3.38
CA VAL A 57 -16.30 6.85 4.33
C VAL A 57 -17.32 6.81 5.47
N PRO A 58 -17.96 5.67 5.77
CA PRO A 58 -18.90 5.57 6.88
C PRO A 58 -18.26 5.66 8.27
N GLU A 59 -17.09 5.04 8.47
CA GLU A 59 -16.42 5.01 9.79
C GLU A 59 -15.24 5.97 9.81
N LYS A 60 -14.75 6.34 10.99
CA LYS A 60 -13.66 7.30 11.18
C LYS A 60 -12.27 6.67 11.07
N LYS A 61 -12.06 5.52 11.69
CA LYS A 61 -10.73 4.91 11.67
C LYS A 61 -10.31 4.56 10.24
N LEU A 62 -11.25 4.11 9.43
CA LEU A 62 -10.91 3.67 8.08
C LEU A 62 -10.41 4.83 7.23
N LEU A 63 -10.60 6.06 7.70
CA LEU A 63 -10.10 7.21 6.97
C LEU A 63 -8.59 7.14 6.79
N LYS A 64 -7.86 6.54 7.74
CA LYS A 64 -6.42 6.39 7.54
C LYS A 64 -6.11 5.45 6.38
N HIS A 65 -7.00 4.50 6.09
CA HIS A 65 -6.64 3.38 5.24
C HIS A 65 -7.09 3.52 3.79
N VAL A 66 -8.00 4.44 3.47
CA VAL A 66 -8.57 4.50 2.13
C VAL A 66 -7.53 5.02 1.13
N LEU A 67 -7.14 6.29 1.29
CA LEU A 67 -6.26 6.89 0.28
C LEU A 67 -4.84 6.35 0.38
N PRO A 68 -4.23 6.23 1.56
CA PRO A 68 -2.87 5.70 1.61
C PRO A 68 -2.74 4.31 1.00
N ASN A 69 -3.79 3.50 1.06
CA ASN A 69 -3.80 2.18 0.44
C ASN A 69 -4.85 2.10 -0.68
N ILE A 70 -5.07 3.19 -1.40
CA ILE A 70 -6.04 3.19 -2.49
C ILE A 70 -5.54 2.26 -3.61
N ARG A 71 -6.49 1.58 -4.26
CA ARG A 71 -6.18 0.63 -5.32
C ARG A 71 -7.20 0.80 -6.45
N ILE A 72 -6.71 0.64 -7.68
CA ILE A 72 -7.54 0.65 -8.87
C ILE A 72 -7.25 -0.63 -9.65
N LYS A 73 -8.31 -1.34 -10.01
CA LYS A 73 -8.18 -2.62 -10.71
C LYS A 73 -7.88 -2.37 -12.18
N GLY A 74 -6.73 -2.85 -12.65
CA GLY A 74 -6.44 -2.83 -14.07
C GLY A 74 -6.00 -1.50 -14.64
N LEU A 75 -5.60 -0.56 -13.80
CA LEU A 75 -5.18 0.76 -14.25
C LEU A 75 -3.79 1.08 -13.74
N SER A 76 -2.99 1.71 -14.59
CA SER A 76 -1.65 2.16 -14.23
C SER A 76 -1.72 3.59 -13.74
N PHE A 77 -1.06 3.88 -12.62
CA PHE A 77 -1.06 5.22 -12.08
C PHE A 77 0.16 5.42 -11.19
N SER A 78 0.56 6.67 -11.09
CA SER A 78 1.66 7.07 -10.19
C SER A 78 1.03 7.86 -9.07
N VAL A 79 1.72 8.02 -7.96
CA VAL A 79 1.29 8.85 -6.83
C VAL A 79 2.31 9.97 -6.67
N LYS A 80 1.85 11.22 -6.78
CA LYS A 80 2.70 12.36 -6.50
C LYS A 80 2.70 12.71 -5.02
N VAL A 81 1.52 12.81 -4.43
CA VAL A 81 1.37 13.02 -2.99
C VAL A 81 0.14 12.23 -2.55
N CYS A 82 0.18 11.75 -1.31
CA CYS A 82 -0.96 11.01 -0.78
C CYS A 82 -0.96 11.11 0.73
N GLY A 83 -2.11 11.43 1.30
CA GLY A 83 -2.28 11.46 2.73
C GLY A 83 -3.64 10.92 3.14
N GLU A 84 -4.08 11.31 4.33
CA GLU A 84 -5.36 10.80 4.83
C GLU A 84 -6.54 11.40 4.07
N ARG A 85 -6.45 12.68 3.68
CA ARG A 85 -7.61 13.40 3.14
C ARG A 85 -7.48 13.81 1.67
N LYS A 86 -6.29 13.70 1.08
CA LYS A 86 -6.11 14.15 -0.29
C LYS A 86 -5.05 13.28 -0.96
N CYS A 87 -5.32 12.91 -2.22
CA CYS A 87 -4.36 12.14 -3.00
C CYS A 87 -4.51 12.53 -4.47
N VAL A 88 -3.38 12.64 -5.16
CA VAL A 88 -3.37 12.95 -6.59
C VAL A 88 -2.63 11.84 -7.30
N LEU A 89 -3.21 11.36 -8.41
CA LEU A 89 -2.63 10.28 -9.18
C LEU A 89 -2.44 10.70 -10.63
N PHE A 90 -1.38 10.18 -11.23
CA PHE A 90 -1.09 10.36 -12.66
C PHE A 90 -1.44 9.02 -13.29
N ILE A 91 -2.70 8.85 -13.67
CA ILE A 91 -3.18 7.63 -14.28
C ILE A 91 -2.73 7.56 -15.73
N GLU A 92 -2.64 6.35 -16.29
CA GLU A 92 -2.28 6.18 -17.72
C GLU A 92 -3.55 5.73 -18.45
N TRP A 93 -4.06 6.55 -19.36
CA TRP A 93 -5.30 6.27 -20.11
C TRP A 93 -5.00 6.36 -21.61
N GLU A 94 -4.89 5.22 -22.29
CA GLU A 94 -4.70 5.19 -23.76
C GLU A 94 -3.44 6.00 -24.13
N LYS A 95 -2.33 5.74 -23.37
CA LYS A 95 -1.00 6.34 -23.65
C LYS A 95 -1.08 7.85 -23.48
N LYS A 96 -1.77 8.33 -22.48
CA LYS A 96 -1.76 9.74 -21.99
C LYS A 96 -1.78 9.68 -20.47
N THR A 97 -1.07 10.59 -19.77
CA THR A 97 -1.11 10.61 -18.32
C THR A 97 -2.06 11.70 -17.87
N TYR A 98 -3.05 11.31 -17.06
CA TYR A 98 -4.11 12.18 -16.58
C TYR A 98 -4.01 12.40 -15.08
N GLN A 99 -4.44 13.58 -14.63
CA GLN A 99 -4.50 13.89 -13.21
C GLN A 99 -5.86 13.50 -12.64
N LEU A 100 -5.83 12.71 -11.58
CA LEU A 100 -7.02 12.19 -10.92
C LEU A 100 -6.86 12.42 -9.42
N ASP A 101 -7.70 13.28 -8.85
CA ASP A 101 -7.66 13.62 -7.44
C ASP A 101 -8.75 12.88 -6.67
N LEU A 102 -8.38 12.35 -5.52
CA LEU A 102 -9.30 11.71 -4.59
C LEU A 102 -9.30 12.50 -3.29
N PHE A 103 -10.50 12.79 -2.78
CA PHE A 103 -10.71 13.41 -1.49
C PHE A 103 -11.68 12.54 -0.70
N THR A 104 -11.51 12.51 0.62
CA THR A 104 -12.35 11.71 1.49
C THR A 104 -13.25 12.61 2.33
N ALA A 105 -14.44 12.14 2.66
CA ALA A 105 -15.39 12.89 3.49
C ALA A 105 -16.25 11.91 4.27
N LEU A 106 -16.34 12.08 5.59
CA LEU A 106 -17.22 11.22 6.41
C LEU A 106 -18.66 11.47 5.97
N ALA A 107 -19.58 10.55 6.25
CA ALA A 107 -20.98 10.65 5.81
C ALA A 107 -21.69 11.77 6.56
N GLU A 108 -21.30 12.04 7.80
CA GLU A 108 -21.89 13.13 8.57
C GLU A 108 -21.61 14.49 7.94
N GLU A 109 -20.53 14.56 7.18
CA GLU A 109 -20.09 15.83 6.55
C GLU A 109 -20.24 15.73 5.04
N LYS A 110 -21.13 14.87 4.54
CA LYS A 110 -21.29 14.74 3.09
C LYS A 110 -21.73 16.04 2.43
N PRO A 111 -22.81 16.70 2.86
CA PRO A 111 -23.21 17.94 2.19
C PRO A 111 -22.14 19.02 2.22
N TYR A 112 -21.36 19.11 3.30
CA TYR A 112 -20.35 20.16 3.37
C TYR A 112 -19.22 19.87 2.40
N ALA A 113 -18.64 18.67 2.48
CA ALA A 113 -17.51 18.33 1.62
C ALA A 113 -17.92 18.43 0.16
N ILE A 114 -19.06 17.85 -0.19
CA ILE A 114 -19.59 17.94 -1.58
C ILE A 114 -19.63 19.42 -1.96
N PHE A 115 -20.22 20.28 -1.14
CA PHE A 115 -20.34 21.73 -1.42
C PHE A 115 -18.93 22.32 -1.63
N HIS A 116 -17.96 21.98 -0.77
CA HIS A 116 -16.64 22.59 -0.92
C HIS A 116 -15.96 22.10 -2.18
N PHE A 117 -16.21 20.85 -2.59
CA PHE A 117 -15.54 20.31 -3.74
C PHE A 117 -16.26 20.57 -5.05
N THR A 118 -17.51 21.00 -5.01
CA THR A 118 -18.31 21.21 -6.25
C THR A 118 -18.01 22.60 -6.79
N GLY A 119 -18.52 23.64 -6.17
CA GLY A 119 -18.41 25.02 -6.69
C GLY A 119 -17.01 25.46 -7.07
N PRO A 120 -16.88 26.51 -7.91
CA PRO A 120 -15.57 27.07 -8.26
C PRO A 120 -14.94 27.80 -7.09
N VAL A 121 -13.61 27.88 -7.13
CA VAL A 121 -12.86 28.47 -6.03
C VAL A 121 -13.41 29.84 -5.68
N SER A 122 -13.65 30.69 -6.70
CA SER A 122 -14.09 32.05 -6.42
C SER A 122 -15.44 32.09 -5.72
N TYR A 123 -16.36 31.21 -6.13
CA TYR A 123 -17.68 31.16 -5.50
C TYR A 123 -17.54 30.76 -4.04
N LEU A 124 -16.62 29.83 -3.76
CA LEU A 124 -16.38 29.42 -2.38
C LEU A 124 -15.81 30.58 -1.58
N ILE A 125 -14.84 31.30 -2.13
CA ILE A 125 -14.25 32.42 -1.41
C ILE A 125 -15.33 33.43 -1.03
N ARG A 126 -16.22 33.75 -1.97
CA ARG A 126 -17.24 34.75 -1.67
C ARG A 126 -18.20 34.25 -0.60
N ILE A 127 -18.54 32.97 -0.64
CA ILE A 127 -19.47 32.44 0.35
C ILE A 127 -18.83 32.45 1.74
N ARG A 128 -17.58 31.97 1.83
CA ARG A 128 -16.93 31.89 3.14
C ARG A 128 -16.66 33.27 3.70
N ALA A 129 -16.43 34.27 2.86
CA ALA A 129 -16.28 35.64 3.38
C ALA A 129 -17.59 36.15 3.94
N ALA A 130 -18.71 35.87 3.25
CA ALA A 130 -20.00 36.33 3.76
C ALA A 130 -20.34 35.64 5.08
N LEU A 131 -20.01 34.36 5.22
CA LEU A 131 -20.28 33.68 6.48
C LEU A 131 -19.34 34.15 7.58
N LYS A 132 -18.07 34.40 7.26
CA LYS A 132 -17.13 34.85 8.27
C LYS A 132 -17.51 36.22 8.81
N LYS A 133 -18.19 37.04 8.00
CA LYS A 133 -18.60 38.34 8.51
C LYS A 133 -19.53 38.20 9.72
N LYS A 134 -20.30 37.12 9.79
CA LYS A 134 -21.22 36.88 10.88
C LYS A 134 -20.62 35.99 11.96
N ASN A 135 -19.31 36.05 12.15
CA ASN A 135 -18.60 35.08 12.97
C ASN A 135 -19.10 33.67 12.65
N TYR A 136 -18.67 33.14 11.52
CA TYR A 136 -18.88 31.74 11.18
C TYR A 136 -17.68 31.26 10.38
N LYS A 137 -17.42 29.96 10.46
CA LYS A 137 -16.38 29.32 9.66
C LYS A 137 -16.99 28.10 8.98
N LEU A 138 -16.99 28.10 7.65
CA LEU A 138 -17.51 27.00 6.85
C LEU A 138 -16.34 26.36 6.11
N ASN A 139 -16.29 25.03 6.15
CA ASN A 139 -15.27 24.28 5.45
C ASN A 139 -15.88 22.95 5.01
N GLN A 140 -15.04 21.96 4.73
CA GLN A 140 -15.52 20.67 4.27
C GLN A 140 -15.99 19.77 5.42
N TYR A 141 -15.89 20.25 6.67
CA TYR A 141 -16.24 19.44 7.82
C TYR A 141 -17.46 19.93 8.59
N GLY A 142 -17.90 21.15 8.37
CA GLY A 142 -19.09 21.65 9.05
C GLY A 142 -19.07 23.16 9.14
N LEU A 143 -20.12 23.68 9.78
CA LEU A 143 -20.23 25.10 10.09
C LEU A 143 -19.77 25.32 11.53
N PHE A 144 -18.90 26.31 11.72
CA PHE A 144 -18.31 26.61 13.01
C PHE A 144 -18.59 28.05 13.40
N LYS A 145 -18.62 28.30 14.72
CA LYS A 145 -18.95 29.61 15.28
C LYS A 145 -18.26 29.68 16.63
N ASN A 146 -17.29 30.58 16.77
CA ASN A 146 -16.50 30.68 18.00
C ASN A 146 -15.75 29.39 18.29
N GLN A 147 -15.16 28.80 17.25
CA GLN A 147 -14.44 27.54 17.37
C GLN A 147 -15.33 26.48 18.00
N THR A 148 -16.54 26.35 17.46
CA THR A 148 -17.49 25.35 17.90
C THR A 148 -18.37 24.98 16.71
N LEU A 149 -18.55 23.68 16.50
CA LEU A 149 -19.41 23.22 15.42
C LEU A 149 -20.84 23.69 15.67
N VAL A 150 -21.47 24.21 14.63
CA VAL A 150 -22.88 24.63 14.70
C VAL A 150 -23.70 23.54 14.03
N PRO A 151 -24.53 22.81 14.77
CA PRO A 151 -25.40 21.81 14.13
C PRO A 151 -26.45 22.45 13.24
N LEU A 152 -26.74 21.82 12.10
CA LEU A 152 -27.79 22.30 11.18
C LEU A 152 -28.73 21.14 10.86
N LYS A 153 -30.03 21.40 10.73
CA LYS A 153 -31.04 20.41 10.36
C LYS A 153 -31.04 20.26 8.84
N ILE A 154 -30.04 19.53 8.35
CA ILE A 154 -29.81 19.39 6.92
C ILE A 154 -29.27 17.98 6.65
N THR A 155 -29.48 17.53 5.42
CA THR A 155 -28.95 16.25 4.96
C THR A 155 -28.34 16.29 3.56
N THR A 156 -28.79 17.16 2.67
CA THR A 156 -28.25 17.25 1.32
C THR A 156 -27.60 18.61 1.10
N GLU A 157 -26.88 18.72 -0.03
CA GLU A 157 -26.19 19.96 -0.34
C GLU A 157 -27.17 21.10 -0.54
N LYS A 158 -28.35 20.81 -1.10
CA LYS A 158 -29.35 21.85 -1.31
C LYS A 158 -29.95 22.32 0.01
N GLU A 159 -30.26 21.39 0.91
CA GLU A 159 -30.79 21.77 2.21
C GLU A 159 -29.77 22.59 2.98
N LEU A 160 -28.49 22.23 2.84
CA LEU A 160 -27.42 23.05 3.39
C LEU A 160 -27.50 24.45 2.80
N ILE A 161 -27.56 24.53 1.47
CA ILE A 161 -27.55 25.83 0.79
C ILE A 161 -28.66 26.71 1.33
N LYS A 162 -29.77 26.43 1.54
CA LYS A 162 -30.86 27.31 1.97
C LYS A 162 -30.83 27.53 3.48
N GLU A 163 -30.47 26.50 4.25
CA GLU A 163 -30.36 26.62 5.72
C GLU A 163 -29.28 27.66 6.00
N LEU A 164 -28.38 27.91 5.05
CA LEU A 164 -27.22 28.80 5.29
C LEU A 164 -27.57 30.22 4.84
N GLY A 165 -28.60 30.40 4.02
CA GLY A 165 -29.13 31.71 3.69
C GLY A 165 -28.84 32.21 2.29
N PHE A 166 -28.06 31.49 1.49
CA PHE A 166 -27.77 31.92 0.12
C PHE A 166 -28.76 31.29 -0.86
N THR A 167 -28.91 31.95 -2.01
CA THR A 167 -29.74 31.41 -3.08
C THR A 167 -29.09 30.17 -3.68
N TYR A 168 -29.90 29.14 -3.91
CA TYR A 168 -29.38 27.92 -4.51
C TYR A 168 -29.05 28.15 -5.98
N ARG A 169 -27.95 27.56 -6.42
CA ARG A 169 -27.53 27.59 -7.81
C ARG A 169 -27.07 26.19 -8.18
N ILE A 170 -27.57 25.68 -9.30
CA ILE A 170 -27.16 24.35 -9.76
C ILE A 170 -25.67 24.46 -10.08
N PRO A 171 -24.90 23.37 -10.00
CA PRO A 171 -23.43 23.51 -10.05
C PRO A 171 -22.93 24.22 -11.28
N LYS A 172 -23.69 24.19 -12.38
CA LYS A 172 -23.21 24.80 -13.61
C LYS A 172 -23.08 26.31 -13.50
N LYS A 173 -24.13 26.98 -12.99
CA LYS A 173 -24.15 28.44 -13.01
C LYS A 173 -23.40 29.06 -11.84
N ARG A 174 -22.91 28.25 -10.89
CA ARG A 174 -22.13 28.80 -9.79
C ARG A 174 -20.87 29.47 -10.34
N LEU A 175 -20.59 30.67 -9.85
CA LEU A 175 -19.46 31.46 -10.34
C LEU A 175 -19.08 32.51 -9.30
N SER B 1 26.79 -4.83 16.12
CA SER B 1 27.25 -6.04 15.38
C SER B 1 26.82 -7.32 16.09
N MET B 2 27.14 -7.40 17.38
CA MET B 2 26.77 -8.58 18.16
C MET B 2 25.27 -8.60 18.43
N LEU B 3 24.72 -9.82 18.53
CA LEU B 3 23.28 -9.96 18.75
C LEU B 3 23.00 -11.34 19.35
N THR B 4 22.16 -11.39 20.39
CA THR B 4 21.72 -12.66 20.94
C THR B 4 20.38 -13.06 20.30
N LEU B 5 19.89 -14.25 20.69
CA LEU B 5 18.71 -14.82 20.03
C LEU B 5 17.44 -14.01 20.32
N ILE B 6 17.10 -13.81 21.59
CA ILE B 6 15.86 -13.11 21.92
C ILE B 6 15.94 -11.66 21.47
N GLN B 7 17.16 -11.13 21.44
CA GLN B 7 17.38 -9.78 20.95
C GLN B 7 16.83 -9.63 19.54
N GLY B 8 17.32 -10.48 18.63
CA GLY B 8 16.84 -10.43 17.26
C GLY B 8 15.39 -10.87 17.12
N LYS B 9 14.93 -11.76 17.99
CA LYS B 9 13.54 -12.18 17.93
C LYS B 9 12.59 -11.01 18.18
N LYS B 10 12.88 -10.21 19.20
CA LYS B 10 12.05 -9.04 19.44
C LYS B 10 12.20 -8.02 18.31
N ILE B 11 13.38 -7.92 17.71
CA ILE B 11 13.50 -6.98 16.60
C ILE B 11 12.63 -7.43 15.42
N VAL B 12 12.58 -8.74 15.16
CA VAL B 12 11.76 -9.22 14.06
C VAL B 12 10.28 -8.98 14.37
N ASN B 13 9.89 -9.13 15.63
CA ASN B 13 8.51 -8.81 15.99
C ASN B 13 8.23 -7.33 15.79
N HIS B 14 9.23 -6.48 16.00
CA HIS B 14 9.06 -5.06 15.73
C HIS B 14 8.91 -4.79 14.24
N LEU B 15 9.70 -5.47 13.42
CA LEU B 15 9.70 -5.21 11.99
C LEU B 15 8.51 -5.81 11.27
N ARG B 16 7.81 -6.76 11.88
CA ARG B 16 6.77 -7.48 11.14
C ARG B 16 5.68 -6.54 10.63
N SER B 17 5.46 -5.41 11.30
CA SER B 17 4.42 -4.47 10.91
C SER B 17 4.99 -3.12 10.47
N ARG B 18 6.28 -3.03 10.20
CA ARG B 18 6.91 -1.76 9.81
C ARG B 18 7.65 -1.84 8.48
N LEU B 19 7.49 -2.91 7.72
CA LEU B 19 8.14 -3.02 6.43
C LEU B 19 7.19 -2.56 5.33
N ALA B 20 7.75 -1.87 4.34
CA ALA B 20 6.95 -1.38 3.23
C ALA B 20 7.88 -1.11 2.06
N PHE B 21 7.29 -0.75 0.91
CA PHE B 21 8.12 -0.36 -0.23
C PHE B 21 7.35 0.60 -1.13
N GLU B 22 8.10 1.44 -1.83
CA GLU B 22 7.54 2.45 -2.71
C GLU B 22 7.32 1.88 -4.11
N TYR B 23 6.07 1.82 -4.53
CA TYR B 23 5.67 1.39 -5.87
C TYR B 23 5.09 2.61 -6.58
N ASN B 24 5.92 3.26 -7.40
CA ASN B 24 5.50 4.42 -8.19
C ASN B 24 4.82 5.47 -7.31
N GLY B 25 5.47 5.79 -6.20
CA GLY B 25 4.98 6.81 -5.30
C GLY B 25 3.97 6.33 -4.28
N GLN B 26 3.61 5.05 -4.30
CA GLN B 26 2.64 4.49 -3.36
C GLN B 26 3.37 3.64 -2.34
N LEU B 27 3.18 3.95 -1.06
CA LEU B 27 3.76 3.14 -0.01
C LEU B 27 2.89 1.90 0.17
N ILE B 28 3.47 0.73 -0.08
CA ILE B 28 2.76 -0.54 -0.01
C ILE B 28 3.25 -1.24 1.24
N LYS B 29 2.35 -1.43 2.20
CA LYS B 29 2.70 -2.17 3.40
C LYS B 29 3.00 -3.62 3.05
N ILE B 30 4.07 -4.15 3.64
CA ILE B 30 4.40 -5.56 3.48
C ILE B 30 3.67 -6.33 4.57
N LEU B 31 2.84 -7.29 4.15
CA LEU B 31 1.99 -7.99 5.10
C LEU B 31 2.81 -8.92 5.99
N SER B 32 2.41 -9.03 7.25
CA SER B 32 3.16 -9.85 8.20
C SER B 32 3.16 -11.30 7.77
N LYS B 33 2.14 -11.73 7.02
CA LYS B 33 2.09 -13.10 6.52
C LYS B 33 3.17 -13.38 5.48
N ASN B 34 3.70 -12.34 4.83
CA ASN B 34 4.71 -12.49 3.80
C ASN B 34 6.13 -12.26 4.31
N ILE B 35 6.30 -12.12 5.62
CA ILE B 35 7.63 -12.02 6.24
C ILE B 35 7.88 -13.33 6.97
N VAL B 36 8.98 -13.99 6.61
CA VAL B 36 9.36 -15.27 7.22
C VAL B 36 10.76 -15.13 7.79
N ALA B 37 10.92 -15.53 9.05
CA ALA B 37 12.25 -15.58 9.65
C ALA B 37 13.08 -16.69 9.01
N VAL B 38 14.36 -16.43 8.79
CA VAL B 38 15.25 -17.40 8.17
C VAL B 38 16.66 -17.21 8.71
N GLY B 39 17.62 -17.96 8.17
CA GLY B 39 19.00 -17.80 8.58
C GLY B 39 19.27 -18.36 9.97
N SER B 40 20.29 -17.81 10.62
CA SER B 40 20.69 -18.28 11.94
C SER B 40 19.61 -18.04 12.99
N LEU B 41 18.70 -17.09 12.76
CA LEU B 41 17.64 -16.85 13.73
C LEU B 41 16.62 -17.98 13.72
N ARG B 42 16.24 -18.48 12.54
CA ARG B 42 15.31 -19.58 12.45
C ARG B 42 15.90 -20.86 13.04
N ARG B 43 17.22 -21.03 12.96
CA ARG B 43 17.88 -22.14 13.64
C ARG B 43 17.91 -21.97 15.16
N GLU B 44 17.42 -20.84 15.66
CA GLU B 44 17.43 -20.54 17.09
C GLU B 44 18.83 -20.61 17.66
N GLU B 45 19.79 -20.04 16.93
CA GLU B 45 21.17 -19.98 17.40
C GLU B 45 21.27 -19.03 18.57
N LYS B 46 22.12 -19.38 19.54
CA LYS B 46 22.23 -18.55 20.74
C LYS B 46 22.79 -17.16 20.44
N MET B 47 23.65 -17.04 19.43
CA MET B 47 24.28 -15.77 19.11
C MET B 47 24.22 -15.55 17.60
N LEU B 48 23.93 -14.31 17.20
CA LEU B 48 23.58 -13.97 15.83
C LEU B 48 24.56 -12.96 15.25
N ASN B 49 25.12 -13.30 14.09
CA ASN B 49 25.84 -12.30 13.31
C ASN B 49 24.89 -11.27 12.71
N ASP B 50 23.64 -11.66 12.44
CA ASP B 50 22.73 -10.87 11.64
C ASP B 50 21.33 -11.43 11.84
N VAL B 51 20.34 -10.70 11.33
CA VAL B 51 18.96 -11.17 11.30
C VAL B 51 18.55 -11.33 9.84
N ASP B 52 18.12 -12.53 9.47
CA ASP B 52 17.82 -12.89 8.09
C ASP B 52 16.31 -13.03 7.90
N LEU B 53 15.78 -12.27 6.95
CA LEU B 53 14.35 -12.24 6.66
C LEU B 53 14.09 -12.56 5.20
N LEU B 54 12.98 -13.27 4.95
CA LEU B 54 12.54 -13.61 3.61
C LEU B 54 11.19 -12.92 3.38
N ILE B 55 11.19 -11.94 2.50
CA ILE B 55 9.98 -11.24 2.09
C ILE B 55 9.39 -11.96 0.88
N ILE B 56 8.09 -12.19 0.91
CA ILE B 56 7.39 -12.86 -0.18
C ILE B 56 6.61 -11.81 -0.97
N VAL B 57 6.77 -11.83 -2.29
CA VAL B 57 6.12 -10.89 -3.19
C VAL B 57 5.10 -11.67 -4.02
N PRO B 58 3.82 -11.32 -3.99
CA PRO B 58 2.85 -12.06 -4.80
C PRO B 58 2.97 -11.82 -6.30
N GLU B 59 3.60 -10.72 -6.72
CA GLU B 59 3.70 -10.35 -8.13
C GLU B 59 5.11 -10.51 -8.66
N LYS B 60 5.19 -10.61 -10.00
CA LYS B 60 6.47 -10.72 -10.69
C LYS B 60 7.11 -9.35 -10.89
N LYS B 61 6.32 -8.36 -11.32
CA LYS B 61 6.84 -7.01 -11.52
C LYS B 61 7.33 -6.40 -10.22
N LEU B 62 6.69 -6.74 -9.10
CA LEU B 62 7.01 -6.09 -7.84
C LEU B 62 8.44 -6.33 -7.41
N LEU B 63 9.17 -7.20 -8.13
CA LEU B 63 10.58 -7.41 -7.83
C LEU B 63 11.36 -6.10 -7.93
N LYS B 64 10.87 -5.16 -8.71
CA LYS B 64 11.57 -3.88 -8.91
C LYS B 64 11.40 -2.95 -7.71
N HIS B 65 10.45 -3.20 -6.80
CA HIS B 65 10.17 -2.19 -5.78
C HIS B 65 10.42 -2.64 -4.36
N VAL B 66 10.54 -3.94 -4.09
CA VAL B 66 10.60 -4.39 -2.70
C VAL B 66 11.92 -4.01 -2.06
N LEU B 67 13.02 -4.64 -2.49
CA LEU B 67 14.29 -4.42 -1.80
C LEU B 67 14.95 -3.09 -2.16
N PRO B 68 15.09 -2.75 -3.44
CA PRO B 68 15.70 -1.46 -3.78
C PRO B 68 14.98 -0.25 -3.23
N ASN B 69 13.65 -0.32 -3.06
CA ASN B 69 12.87 0.77 -2.49
C ASN B 69 12.27 0.35 -1.15
N ILE B 70 13.01 -0.46 -0.39
CA ILE B 70 12.55 -0.93 0.92
C ILE B 70 12.46 0.25 1.88
N ARG B 71 11.47 0.21 2.77
CA ARG B 71 11.24 1.25 3.76
C ARG B 71 10.91 0.60 5.10
N ILE B 72 11.42 1.21 6.17
CA ILE B 72 11.15 0.79 7.54
C ILE B 72 10.60 1.98 8.30
N LYS B 73 9.47 1.78 8.98
CA LYS B 73 8.79 2.86 9.68
C LYS B 73 9.50 3.16 11.00
N GLY B 74 10.03 4.36 11.13
CA GLY B 74 10.55 4.85 12.40
C GLY B 74 11.90 4.33 12.82
N LEU B 75 12.65 3.69 11.93
CA LEU B 75 13.98 3.18 12.25
C LEU B 75 14.99 3.70 11.24
N SER B 76 16.19 4.01 11.73
CA SER B 76 17.28 4.47 10.88
C SER B 76 18.12 3.29 10.43
N PHE B 77 18.46 3.27 9.14
CA PHE B 77 19.25 2.18 8.57
C PHE B 77 19.98 2.67 7.33
N SER B 78 21.07 2.06 7.03
CA SER B 78 21.84 2.36 5.82
C SER B 78 21.78 1.14 4.92
N VAL B 79 22.15 1.26 3.68
CA VAL B 79 22.17 0.20 2.69
C VAL B 79 23.63 -0.09 2.34
N LYS B 80 24.06 -1.33 2.60
CA LYS B 80 25.39 -1.77 2.17
C LYS B 80 25.37 -2.32 0.75
N VAL B 81 24.46 -3.24 0.47
CA VAL B 81 24.25 -3.77 -0.87
C VAL B 81 22.76 -4.01 -1.06
N CYS B 82 22.30 -3.87 -2.30
CA CYS B 82 20.90 -4.10 -2.60
C CYS B 82 20.73 -4.46 -4.06
N GLY B 83 19.96 -5.50 -4.32
CA GLY B 83 19.58 -5.89 -5.66
C GLY B 83 18.16 -6.40 -5.67
N GLU B 84 17.79 -7.17 -6.70
CA GLU B 84 16.41 -7.67 -6.76
C GLU B 84 16.16 -8.74 -5.71
N ARG B 85 17.14 -9.60 -5.45
CA ARG B 85 16.93 -10.79 -4.64
C ARG B 85 17.68 -10.78 -3.30
N LYS B 86 18.59 -9.84 -3.08
CA LYS B 86 19.36 -9.80 -1.84
C LYS B 86 19.67 -8.36 -1.50
N CYS B 87 19.51 -8.02 -0.23
CA CYS B 87 19.83 -6.70 0.27
C CYS B 87 20.24 -6.83 1.72
N VAL B 88 21.26 -6.07 2.14
CA VAL B 88 21.66 -6.04 3.54
C VAL B 88 21.66 -4.59 4.01
N LEU B 89 21.10 -4.37 5.20
CA LEU B 89 20.98 -3.06 5.80
C LEU B 89 21.62 -3.06 7.17
N PHE B 90 22.18 -1.91 7.55
CA PHE B 90 22.74 -1.71 8.89
C PHE B 90 21.78 -0.81 9.65
N ILE B 91 20.79 -1.44 10.29
CA ILE B 91 19.79 -0.70 11.06
C ILE B 91 20.40 -0.22 12.36
N GLU B 92 19.87 0.88 12.89
CA GLU B 92 20.30 1.44 14.16
C GLU B 92 19.25 1.13 15.23
N TRP B 93 19.59 0.25 16.17
CA TRP B 93 18.71 -0.11 17.26
C TRP B 93 19.31 0.44 18.55
N GLU B 94 18.67 1.49 19.08
CA GLU B 94 19.13 2.16 20.30
C GLU B 94 20.58 2.59 20.14
N LYS B 95 21.51 1.99 20.89
CA LYS B 95 22.91 2.37 20.74
C LYS B 95 23.58 1.59 19.62
N LYS B 96 23.23 0.32 19.48
CA LYS B 96 23.97 -0.62 18.66
C LYS B 96 23.50 -0.56 17.20
N THR B 97 24.38 -1.00 16.31
CA THR B 97 24.09 -1.11 14.89
C THR B 97 24.01 -2.60 14.52
N TYR B 98 22.89 -3.02 13.95
CA TYR B 98 22.65 -4.41 13.62
C TYR B 98 22.60 -4.63 12.12
N GLN B 99 23.07 -5.80 11.69
CA GLN B 99 22.98 -6.22 10.30
C GLN B 99 21.71 -7.03 10.06
N LEU B 100 20.95 -6.62 9.04
CA LEU B 100 19.68 -7.25 8.70
C LEU B 100 19.69 -7.54 7.22
N ASP B 101 19.61 -8.83 6.88
CA ASP B 101 19.58 -9.27 5.49
C ASP B 101 18.14 -9.53 5.09
N LEU B 102 17.75 -9.02 3.92
CA LEU B 102 16.44 -9.26 3.32
C LEU B 102 16.65 -9.98 2.00
N PHE B 103 15.87 -11.04 1.78
CA PHE B 103 15.85 -11.74 0.51
C PHE B 103 14.41 -11.84 0.05
N THR B 104 14.19 -11.80 -1.27
CA THR B 104 12.86 -11.82 -1.83
C THR B 104 12.56 -13.18 -2.48
N ALA B 105 11.28 -13.55 -2.46
CA ALA B 105 10.86 -14.79 -3.10
C ALA B 105 9.45 -14.64 -3.65
N LEU B 106 9.25 -15.23 -4.82
CA LEU B 106 7.93 -15.35 -5.44
C LEU B 106 7.13 -16.44 -4.75
N ALA B 107 5.81 -16.34 -4.87
CA ALA B 107 4.95 -17.33 -4.22
C ALA B 107 5.30 -18.73 -4.69
N GLU B 108 5.62 -18.87 -5.97
CA GLU B 108 5.89 -20.19 -6.54
C GLU B 108 7.03 -20.88 -5.82
N GLU B 109 7.92 -20.11 -5.21
CA GLU B 109 9.13 -20.64 -4.59
C GLU B 109 9.16 -20.48 -3.07
N LYS B 110 8.03 -20.28 -2.39
CA LYS B 110 8.15 -20.08 -0.95
C LYS B 110 8.87 -21.24 -0.27
N PRO B 111 8.46 -22.50 -0.46
CA PRO B 111 9.20 -23.59 0.20
C PRO B 111 10.67 -23.68 -0.17
N TYR B 112 11.03 -23.35 -1.42
CA TYR B 112 12.43 -23.49 -1.82
C TYR B 112 13.30 -22.45 -1.13
N ALA B 113 12.92 -21.17 -1.24
CA ALA B 113 13.74 -20.11 -0.65
C ALA B 113 13.88 -20.31 0.85
N ILE B 114 12.76 -20.61 1.53
CA ILE B 114 12.81 -20.89 2.95
C ILE B 114 13.89 -21.92 3.22
N PHE B 115 13.84 -23.03 2.47
CA PHE B 115 14.80 -24.11 2.68
C PHE B 115 16.22 -23.59 2.50
N HIS B 116 16.47 -22.90 1.38
CA HIS B 116 17.83 -22.46 1.11
C HIS B 116 18.30 -21.47 2.17
N PHE B 117 17.39 -20.65 2.69
CA PHE B 117 17.79 -19.63 3.65
C PHE B 117 17.73 -20.11 5.09
N THR B 118 17.17 -21.29 5.34
CA THR B 118 17.01 -21.75 6.72
C THR B 118 18.25 -22.50 7.19
N GLY B 119 18.50 -23.67 6.60
CA GLY B 119 19.52 -24.56 7.09
C GLY B 119 20.89 -23.95 6.98
N PRO B 120 21.83 -24.46 7.77
CA PRO B 120 23.20 -23.93 7.73
C PRO B 120 23.84 -24.25 6.39
N VAL B 121 24.83 -23.43 6.03
CA VAL B 121 25.45 -23.57 4.72
C VAL B 121 25.87 -25.01 4.47
N SER B 122 26.55 -25.62 5.46
CA SER B 122 27.11 -26.96 5.25
C SER B 122 26.00 -27.98 5.00
N TYR B 123 24.90 -27.87 5.71
CA TYR B 123 23.79 -28.79 5.50
C TYR B 123 23.23 -28.63 4.09
N LEU B 124 23.18 -27.39 3.59
CA LEU B 124 22.69 -27.16 2.25
C LEU B 124 23.63 -27.74 1.20
N ILE B 125 24.94 -27.50 1.34
CA ILE B 125 25.89 -28.04 0.38
C ILE B 125 25.76 -29.55 0.34
N ARG B 126 25.66 -30.15 1.51
CA ARG B 126 25.58 -31.59 1.63
C ARG B 126 24.31 -32.13 0.97
N ILE B 127 23.19 -31.41 1.14
CA ILE B 127 21.92 -31.87 0.57
C ILE B 127 21.92 -31.77 -0.94
N ARG B 128 22.28 -30.59 -1.47
CA ARG B 128 22.22 -30.43 -2.93
C ARG B 128 23.29 -31.27 -3.62
N ALA B 129 24.40 -31.57 -2.95
CA ALA B 129 25.35 -32.52 -3.55
C ALA B 129 24.73 -33.90 -3.66
N ALA B 130 23.98 -34.31 -2.63
CA ALA B 130 23.30 -35.59 -2.72
C ALA B 130 22.28 -35.59 -3.86
N LEU B 131 21.61 -34.46 -4.07
CA LEU B 131 20.66 -34.37 -5.18
C LEU B 131 21.38 -34.37 -6.53
N LYS B 132 22.53 -33.69 -6.61
CA LYS B 132 23.26 -33.61 -7.86
C LYS B 132 23.74 -34.98 -8.32
N LYS B 133 23.99 -35.89 -7.39
CA LYS B 133 24.49 -37.24 -7.74
C LYS B 133 23.46 -37.89 -8.67
N LYS B 134 22.20 -37.46 -8.62
CA LYS B 134 21.10 -38.05 -9.43
C LYS B 134 20.70 -37.07 -10.52
N ASN B 135 21.63 -36.25 -11.00
CA ASN B 135 21.37 -35.25 -12.06
C ASN B 135 20.22 -34.34 -11.63
N TYR B 136 20.30 -33.75 -10.43
CA TYR B 136 19.29 -32.76 -9.95
C TYR B 136 20.03 -31.51 -9.46
N LYS B 137 19.38 -30.36 -9.54
CA LYS B 137 19.94 -29.08 -9.14
C LYS B 137 18.90 -28.39 -8.28
N LEU B 138 19.24 -28.18 -7.02
CA LEU B 138 18.36 -27.56 -6.04
C LEU B 138 18.91 -26.20 -5.66
N ASN B 139 18.04 -25.20 -5.67
CA ASN B 139 18.43 -23.85 -5.27
C ASN B 139 17.21 -23.20 -4.62
N GLN B 140 17.21 -21.88 -4.55
CA GLN B 140 16.11 -21.16 -3.91
C GLN B 140 14.92 -20.94 -4.83
N TYR B 141 14.99 -21.41 -6.09
CA TYR B 141 13.93 -21.18 -7.07
C TYR B 141 13.19 -22.43 -7.50
N GLY B 142 13.71 -23.61 -7.23
CA GLY B 142 13.03 -24.83 -7.60
C GLY B 142 14.02 -25.96 -7.79
N LEU B 143 13.48 -27.12 -8.13
CA LEU B 143 14.28 -28.29 -8.48
C LEU B 143 14.40 -28.36 -9.99
N PHE B 144 15.63 -28.53 -10.47
CA PHE B 144 15.89 -28.56 -11.90
C PHE B 144 16.60 -29.85 -12.28
N LYS B 145 16.35 -30.27 -13.52
CA LYS B 145 16.89 -31.51 -14.07
C LYS B 145 16.89 -31.28 -15.57
N ASN B 146 18.08 -31.20 -16.17
CA ASN B 146 18.23 -30.83 -17.58
C ASN B 146 17.67 -29.44 -17.86
N GLN B 147 17.94 -28.50 -16.97
CA GLN B 147 17.52 -27.08 -17.17
C GLN B 147 16.03 -27.03 -17.47
N THR B 148 15.18 -27.58 -16.59
CA THR B 148 13.71 -27.54 -16.75
C THR B 148 13.05 -27.62 -15.37
N LEU B 149 12.23 -26.63 -14.99
CA LEU B 149 11.50 -26.71 -13.74
C LEU B 149 10.59 -27.93 -13.75
N VAL B 150 10.62 -28.70 -12.67
CA VAL B 150 9.75 -29.85 -12.48
C VAL B 150 8.68 -29.45 -11.49
N PRO B 151 7.39 -29.46 -11.86
CA PRO B 151 6.35 -29.10 -10.89
C PRO B 151 6.29 -30.09 -9.74
N LEU B 152 5.96 -29.57 -8.55
CA LEU B 152 5.86 -30.39 -7.34
C LEU B 152 4.55 -30.10 -6.61
N LYS B 153 4.05 -31.13 -5.92
CA LYS B 153 2.86 -31.02 -5.08
C LYS B 153 3.27 -30.57 -3.68
N ILE B 154 3.59 -29.27 -3.56
CA ILE B 154 4.10 -28.74 -2.31
C ILE B 154 3.65 -27.29 -2.15
N THR B 155 3.57 -26.86 -0.89
CA THR B 155 3.30 -25.47 -0.55
C THR B 155 4.15 -24.93 0.61
N THR B 156 4.54 -25.77 1.57
CA THR B 156 5.40 -25.39 2.67
C THR B 156 6.69 -26.20 2.63
N GLU B 157 7.63 -25.82 3.49
CA GLU B 157 8.95 -26.42 3.49
C GLU B 157 8.94 -27.91 3.81
N LYS B 158 7.99 -28.37 4.64
CA LYS B 158 8.01 -29.77 5.08
C LYS B 158 7.73 -30.72 3.92
N GLU B 159 6.67 -30.30 3.12
CA GLU B 159 6.25 -31.07 1.93
C GLU B 159 7.44 -31.15 0.99
N LEU B 160 8.17 -30.10 0.82
CA LEU B 160 9.34 -30.01 -0.04
C LEU B 160 10.43 -30.96 0.44
N ILE B 161 10.73 -30.92 1.74
CA ILE B 161 11.79 -31.76 2.27
C ILE B 161 11.49 -33.23 2.00
N LYS B 162 10.25 -33.65 2.25
CA LYS B 162 9.95 -35.07 2.08
C LYS B 162 9.97 -35.48 0.60
N GLU B 163 9.32 -34.70 -0.25
CA GLU B 163 9.29 -35.04 -1.67
C GLU B 163 10.70 -35.06 -2.24
N LEU B 164 11.61 -34.26 -1.66
CA LEU B 164 13.00 -34.27 -2.07
C LEU B 164 13.64 -35.63 -1.76
N GLY B 165 13.13 -36.35 -0.75
CA GLY B 165 13.57 -37.68 -0.43
C GLY B 165 14.33 -37.83 0.88
N PHE B 166 14.67 -36.74 1.57
CA PHE B 166 15.37 -36.81 2.83
C PHE B 166 14.40 -36.75 4.00
N THR B 167 14.86 -37.23 5.15
CA THR B 167 14.08 -37.12 6.38
C THR B 167 13.95 -35.65 6.76
N TYR B 168 12.75 -35.25 7.19
CA TYR B 168 12.53 -33.86 7.54
C TYR B 168 13.34 -33.50 8.77
N ARG B 169 13.87 -32.28 8.78
CA ARG B 169 14.61 -31.76 9.92
C ARG B 169 14.13 -30.36 10.22
N ILE B 170 13.74 -30.15 11.47
CA ILE B 170 13.32 -28.83 11.93
C ILE B 170 14.57 -27.97 11.92
N PRO B 171 14.45 -26.63 11.74
CA PRO B 171 15.64 -25.77 11.57
C PRO B 171 16.85 -25.85 12.53
N LYS B 172 16.65 -26.13 13.81
CA LYS B 172 17.73 -26.10 14.84
C LYS B 172 18.61 -27.35 14.81
N LYS B 173 18.19 -28.43 14.19
CA LYS B 173 18.87 -29.76 14.24
C LYS B 173 19.72 -29.89 12.98
N ARG B 174 19.54 -29.01 12.00
CA ARG B 174 20.39 -28.99 10.81
C ARG B 174 21.83 -28.55 11.08
N LEU B 175 22.77 -29.28 10.48
CA LEU B 175 24.20 -29.02 10.68
C LEU B 175 24.80 -29.96 11.72
#